data_9GAR
#
_entry.id   9GAR
#
_cell.length_a   184.869
_cell.length_b   184.869
_cell.length_c   82.309
_cell.angle_alpha   90.000
_cell.angle_beta   90.000
_cell.angle_gamma   90.000
#
_symmetry.space_group_name_H-M   'I 41 2 2'
#
loop_
_entity.id
_entity.type
_entity.pdbx_description
1 polymer 'DUF4374 domain-containing protein'
2 non-polymer 'SULFATE ION'
3 non-polymer 'ACETATE ION'
#
_entity_poly.entity_id   1
_entity_poly.type   'polypeptide(L)'
_entity_poly.pdbx_seq_one_letter_code
;MATPTEVSNLTEVSKGNYVIAATVGTGNNETNVLLTADRLDDPNYKVTPTVQGTQNDGATYWVFYNQRSLFALNYNQGEA
GQTASYSLNPAFEMTKDPRTYKLSRFTTYGFYNDYIMTTSSGSGTIDAQSYTYTDKSGQSLTETYYPRHFLPAYIDARNQ
TAKDGTGAGDIRLRAENFLGNGEYVTLAGLEQVGNYLYSAAVPMGLSQWGYIQTVDGREHGYVREGYEDLVKTESGGSGS
GSYKANELQWTQYPDECWVAIFKDETLTEHKVIKSDRISYACGRNRSQYYQMVWQADDGYLYVFSPSYAKTMSDARQQTR
LPAGVVRIDTRASWEALDFDPSYYQALKNPDGSEAAFLRSWYTSGNYFLLLAYDAQGFKGTANRLLIFDTQGDGTLREVS
GLPTDISALSNTPYIDDEGHAYVVVSTSTGYPTVYKIDPAAATASKGLTIVATSVAGVGKLQANLEHHHHHH
;
_entity_poly.pdbx_strand_id   A
#
# COMPACT_ATOMS: atom_id res chain seq x y z
N ALA A 2 8.24 -20.41 -22.95
CA ALA A 2 7.77 -21.79 -22.95
C ALA A 2 6.86 -22.07 -24.14
N THR A 3 5.92 -23.00 -23.95
CA THR A 3 4.98 -23.37 -25.00
C THR A 3 3.74 -23.93 -24.35
N PRO A 4 2.56 -23.73 -24.95
CA PRO A 4 1.32 -24.27 -24.35
C PRO A 4 1.27 -25.78 -24.28
N THR A 5 2.13 -26.48 -25.02
CA THR A 5 2.19 -27.94 -24.97
C THR A 5 3.20 -28.46 -23.96
N GLU A 6 3.87 -27.57 -23.22
CA GLU A 6 4.83 -28.01 -22.21
C GLU A 6 4.14 -28.61 -21.00
N VAL A 7 2.96 -28.11 -20.64
CA VAL A 7 2.26 -28.54 -19.44
C VAL A 7 1.48 -29.82 -19.71
N SER A 8 1.73 -30.44 -20.87
CA SER A 8 1.04 -31.69 -21.21
C SER A 8 1.44 -32.83 -20.29
N ASN A 9 2.62 -32.75 -19.66
CA ASN A 9 3.08 -33.78 -18.74
C ASN A 9 2.67 -33.52 -17.31
N LEU A 10 2.13 -32.35 -17.01
CA LEU A 10 1.70 -32.03 -15.65
C LEU A 10 0.30 -32.58 -15.39
N THR A 11 -0.03 -32.69 -14.11
CA THR A 11 -1.31 -33.21 -13.67
C THR A 11 -2.27 -32.06 -13.40
N GLU A 12 -3.51 -32.18 -13.87
CA GLU A 12 -4.52 -31.17 -13.60
C GLU A 12 -4.92 -31.24 -12.13
N VAL A 13 -4.72 -30.14 -11.41
CA VAL A 13 -5.01 -30.12 -9.98
C VAL A 13 -6.52 -30.18 -9.75
N SER A 14 -6.89 -30.69 -8.57
CA SER A 14 -8.28 -30.79 -8.19
C SER A 14 -8.72 -29.55 -7.41
N LYS A 15 -10.04 -29.34 -7.37
CA LYS A 15 -10.60 -28.20 -6.66
C LYS A 15 -10.33 -28.33 -5.16
N GLY A 16 -9.86 -27.25 -4.56
CA GLY A 16 -9.54 -27.26 -3.14
C GLY A 16 -9.89 -25.97 -2.42
N ASN A 17 -9.12 -25.63 -1.41
CA ASN A 17 -9.37 -24.45 -0.58
C ASN A 17 -8.50 -23.26 -0.94
N TYR A 18 -7.59 -23.41 -1.90
CA TYR A 18 -6.72 -22.32 -2.33
C TYR A 18 -7.33 -21.62 -3.55
N VAL A 19 -7.44 -20.30 -3.47
CA VAL A 19 -8.07 -19.48 -4.49
C VAL A 19 -7.00 -18.68 -5.22
N ILE A 20 -7.13 -18.61 -6.54
CA ILE A 20 -6.20 -17.91 -7.42
C ILE A 20 -7.00 -17.01 -8.35
N ALA A 21 -6.66 -15.73 -8.37
CA ALA A 21 -7.33 -14.76 -9.24
C ALA A 21 -6.43 -14.50 -10.44
N ALA A 22 -6.74 -15.14 -11.56
CA ALA A 22 -5.93 -15.06 -12.77
C ALA A 22 -6.65 -14.27 -13.85
N THR A 23 -5.90 -13.90 -14.88
CA THR A 23 -6.42 -13.19 -16.04
C THR A 23 -5.96 -13.91 -17.30
N VAL A 24 -6.91 -14.30 -18.14
CA VAL A 24 -6.63 -14.95 -19.42
C VAL A 24 -6.90 -13.93 -20.51
N GLY A 25 -5.86 -13.51 -21.20
CA GLY A 25 -5.95 -12.48 -22.21
C GLY A 25 -5.37 -11.16 -21.72
N THR A 26 -4.94 -10.34 -22.69
CA THR A 26 -4.34 -9.04 -22.41
C THR A 26 -4.97 -7.99 -23.30
N GLY A 27 -5.75 -7.09 -22.70
CA GLY A 27 -6.40 -6.03 -23.46
C GLY A 27 -7.91 -6.18 -23.52
N ASN A 28 -8.45 -6.38 -24.72
CA ASN A 28 -9.88 -6.61 -24.88
C ASN A 28 -10.26 -8.07 -24.74
N ASN A 29 -9.30 -8.99 -24.85
CA ASN A 29 -9.52 -10.39 -24.54
C ASN A 29 -9.33 -10.68 -23.06
N GLU A 30 -9.08 -9.65 -22.26
CA GLU A 30 -8.86 -9.79 -20.82
C GLU A 30 -10.08 -10.39 -20.15
N THR A 31 -9.97 -11.64 -19.69
CA THR A 31 -11.04 -12.33 -18.98
C THR A 31 -10.53 -12.72 -17.60
N ASN A 32 -11.11 -12.14 -16.56
CA ASN A 32 -10.70 -12.41 -15.19
C ASN A 32 -11.41 -13.66 -14.69
N VAL A 33 -10.62 -14.65 -14.25
CA VAL A 33 -11.16 -15.91 -13.78
C VAL A 33 -10.64 -16.17 -12.37
N LEU A 34 -11.42 -16.96 -11.63
CA LEU A 34 -11.07 -17.41 -10.29
C LEU A 34 -10.99 -18.93 -10.29
N LEU A 35 -9.87 -19.46 -9.81
CA LEU A 35 -9.59 -20.89 -9.84
C LEU A 35 -9.38 -21.39 -8.42
N THR A 36 -9.68 -22.68 -8.20
CA THR A 36 -9.50 -23.31 -6.91
C THR A 36 -8.60 -24.53 -7.06
N ALA A 37 -7.73 -24.73 -6.07
CA ALA A 37 -6.78 -25.84 -6.06
C ALA A 37 -6.57 -26.30 -4.63
N ASP A 38 -6.22 -27.57 -4.47
CA ASP A 38 -5.98 -28.15 -3.16
C ASP A 38 -4.50 -28.14 -2.77
N ARG A 39 -3.62 -27.64 -3.64
CA ARG A 39 -2.20 -27.58 -3.33
C ARG A 39 -1.54 -26.55 -4.24
N LEU A 40 -0.52 -25.88 -3.70
CA LEU A 40 0.20 -24.85 -4.44
C LEU A 40 1.70 -25.08 -4.53
N ASP A 41 2.27 -25.99 -3.73
CA ASP A 41 3.72 -26.16 -3.70
C ASP A 41 4.20 -27.29 -4.61
N ASP A 42 3.32 -28.16 -5.06
CA ASP A 42 3.72 -29.27 -5.90
C ASP A 42 3.93 -28.80 -7.32
N PRO A 43 5.15 -28.86 -7.86
CA PRO A 43 5.38 -28.40 -9.24
C PRO A 43 4.86 -29.37 -10.29
N ASN A 44 4.46 -30.58 -9.90
CA ASN A 44 3.93 -31.55 -10.84
C ASN A 44 2.48 -31.30 -11.22
N TYR A 45 1.83 -30.34 -10.58
CA TYR A 45 0.42 -30.05 -10.81
C TYR A 45 0.25 -28.74 -11.56
N LYS A 46 -0.90 -28.61 -12.23
CA LYS A 46 -1.24 -27.44 -13.01
C LYS A 46 -2.73 -27.14 -12.84
N VAL A 47 -3.11 -25.93 -13.20
CA VAL A 47 -4.51 -25.51 -13.17
C VAL A 47 -4.82 -24.82 -14.50
N THR A 48 -5.93 -25.20 -15.13
CA THR A 48 -6.28 -24.71 -16.45
C THR A 48 -7.62 -24.00 -16.40
N PRO A 49 -7.73 -22.79 -16.95
CA PRO A 49 -9.01 -22.07 -16.94
C PRO A 49 -10.08 -22.69 -17.84
N THR A 50 -9.70 -23.59 -18.74
CA THR A 50 -10.70 -24.26 -19.58
C THR A 50 -11.39 -25.40 -18.85
N VAL A 51 -10.75 -25.98 -17.83
CA VAL A 51 -11.36 -27.06 -17.08
C VAL A 51 -12.25 -26.51 -15.98
N GLN A 52 -11.76 -25.53 -15.22
CA GLN A 52 -12.49 -24.95 -14.12
C GLN A 52 -12.35 -23.44 -14.16
N GLY A 53 -12.99 -22.76 -13.21
CA GLY A 53 -12.87 -21.32 -13.11
C GLY A 53 -14.19 -20.59 -13.16
N THR A 54 -14.26 -19.44 -12.49
CA THR A 54 -15.45 -18.60 -12.47
C THR A 54 -15.09 -17.23 -13.02
N GLN A 55 -15.83 -16.77 -14.01
CA GLN A 55 -15.58 -15.47 -14.62
C GLN A 55 -16.08 -14.36 -13.70
N ASN A 56 -15.27 -13.32 -13.54
CA ASN A 56 -15.60 -12.19 -12.68
C ASN A 56 -15.32 -10.89 -13.43
N ASP A 57 -15.77 -9.78 -12.85
CA ASP A 57 -15.64 -8.46 -13.45
C ASP A 57 -14.29 -7.81 -13.19
N GLY A 58 -13.29 -8.56 -12.73
CA GLY A 58 -12.00 -8.01 -12.43
C GLY A 58 -11.99 -7.26 -11.11
N ALA A 59 -10.81 -6.72 -10.78
CA ALA A 59 -10.66 -6.00 -9.53
C ALA A 59 -9.42 -5.12 -9.61
N THR A 60 -9.51 -3.94 -8.98
CA THR A 60 -8.31 -3.12 -8.78
C THR A 60 -7.45 -3.67 -7.66
N TYR A 61 -8.07 -4.24 -6.61
CA TYR A 61 -7.34 -4.89 -5.54
C TYR A 61 -8.09 -6.12 -5.07
N TRP A 62 -7.40 -7.25 -4.96
CA TRP A 62 -7.96 -8.47 -4.42
C TRP A 62 -7.59 -8.60 -2.96
N VAL A 63 -8.59 -8.57 -2.08
CA VAL A 63 -8.39 -8.62 -0.64
C VAL A 63 -9.04 -9.89 -0.11
N PHE A 64 -8.43 -10.47 0.92
CA PHE A 64 -8.93 -11.70 1.53
C PHE A 64 -9.45 -11.39 2.92
N TYR A 65 -10.78 -11.41 3.08
CA TYR A 65 -11.39 -11.29 4.40
C TYR A 65 -11.29 -12.64 5.09
N ASN A 66 -10.33 -12.75 6.00
CA ASN A 66 -9.98 -13.99 6.69
C ASN A 66 -9.87 -15.15 5.71
N GLN A 67 -10.35 -16.32 6.11
CA GLN A 67 -10.53 -17.44 5.20
C GLN A 67 -12.00 -17.64 4.87
N ARG A 68 -12.75 -16.54 4.81
CA ARG A 68 -14.19 -16.57 4.58
C ARG A 68 -14.62 -15.90 3.28
N SER A 69 -14.02 -14.77 2.90
CA SER A 69 -14.49 -14.05 1.72
C SER A 69 -13.32 -13.51 0.91
N LEU A 70 -13.58 -13.27 -0.37
CA LEU A 70 -12.61 -12.67 -1.28
C LEU A 70 -13.23 -11.41 -1.88
N PHE A 71 -12.77 -10.25 -1.44
CA PHE A 71 -13.31 -8.97 -1.88
C PHE A 71 -12.53 -8.41 -3.05
N ALA A 72 -13.25 -7.73 -3.94
CA ALA A 72 -12.71 -7.10 -5.13
C ALA A 72 -12.97 -5.59 -4.99
N LEU A 73 -11.92 -4.85 -4.64
CA LEU A 73 -12.02 -3.41 -4.44
C LEU A 73 -11.72 -2.68 -5.74
N ASN A 74 -12.55 -1.68 -6.05
CA ASN A 74 -12.41 -0.89 -7.27
C ASN A 74 -12.74 0.56 -6.96
N TYR A 75 -12.32 1.45 -7.86
CA TYR A 75 -12.56 2.89 -7.73
C TYR A 75 -13.85 3.24 -8.47
N ASN A 76 -14.97 3.03 -7.78
CA ASN A 76 -16.28 3.32 -8.36
C ASN A 76 -17.22 3.93 -7.32
N GLN A 82 -18.39 -0.36 -7.22
CA GLN A 82 -18.52 -1.67 -7.85
C GLN A 82 -17.69 -2.72 -7.13
N THR A 83 -17.47 -2.51 -5.83
CA THR A 83 -16.74 -3.47 -5.02
C THR A 83 -17.56 -4.73 -4.85
N ALA A 84 -16.96 -5.88 -5.13
CA ALA A 84 -17.66 -7.16 -5.11
C ALA A 84 -17.08 -8.06 -4.02
N SER A 85 -17.75 -9.18 -3.80
CA SER A 85 -17.28 -10.18 -2.85
C SER A 85 -17.64 -11.57 -3.35
N TYR A 86 -16.77 -12.53 -3.06
CA TYR A 86 -16.92 -13.89 -3.54
C TYR A 86 -16.71 -14.87 -2.39
N SER A 87 -17.39 -16.01 -2.48
CA SER A 87 -17.34 -17.06 -1.48
C SER A 87 -17.01 -18.40 -2.14
N LEU A 88 -16.81 -19.42 -1.31
CA LEU A 88 -16.45 -20.76 -1.75
C LEU A 88 -17.61 -21.70 -1.45
N ASN A 89 -18.22 -22.25 -2.49
CA ASN A 89 -19.36 -23.14 -2.36
C ASN A 89 -18.88 -24.54 -1.97
N PRO A 90 -19.79 -25.41 -1.51
CA PRO A 90 -19.37 -26.78 -1.15
C PRO A 90 -18.71 -27.54 -2.28
N ALA A 91 -18.90 -27.14 -3.54
CA ALA A 91 -18.23 -27.78 -4.66
C ALA A 91 -16.82 -27.25 -4.91
N PHE A 92 -16.29 -26.45 -3.97
CA PHE A 92 -14.96 -25.86 -4.08
C PHE A 92 -14.84 -25.01 -5.35
N GLU A 93 -15.85 -24.18 -5.59
CA GLU A 93 -15.88 -23.26 -6.72
C GLU A 93 -16.22 -21.86 -6.22
N MET A 94 -15.68 -20.87 -6.91
CA MET A 94 -15.90 -19.48 -6.53
C MET A 94 -17.28 -19.01 -6.99
N THR A 95 -18.06 -18.50 -6.05
CA THR A 95 -19.39 -17.95 -6.34
C THR A 95 -19.41 -16.48 -5.96
N LYS A 96 -20.24 -15.70 -6.65
CA LYS A 96 -20.35 -14.27 -6.42
C LYS A 96 -21.43 -13.97 -5.40
N ASP A 97 -21.08 -13.18 -4.39
CA ASP A 97 -22.06 -12.78 -3.39
C ASP A 97 -23.04 -11.79 -4.00
N PRO A 98 -24.32 -11.84 -3.62
CA PRO A 98 -25.31 -10.97 -4.29
C PRO A 98 -25.19 -9.50 -3.94
N ARG A 99 -24.51 -9.15 -2.86
CA ARG A 99 -24.45 -7.78 -2.39
C ARG A 99 -23.18 -7.10 -2.90
N THR A 100 -23.35 -5.94 -3.52
CA THR A 100 -22.25 -5.12 -3.99
C THR A 100 -22.11 -3.88 -3.12
N TYR A 101 -21.00 -3.17 -3.32
CA TYR A 101 -20.69 -2.01 -2.48
C TYR A 101 -20.13 -0.89 -3.34
N LYS A 102 -20.48 0.34 -2.98
CA LYS A 102 -19.98 1.53 -3.67
C LYS A 102 -18.86 2.13 -2.83
N LEU A 103 -17.66 2.20 -3.40
CA LEU A 103 -16.48 2.72 -2.72
C LEU A 103 -15.92 3.89 -3.50
N SER A 104 -15.78 5.04 -2.82
CA SER A 104 -15.11 6.17 -3.43
C SER A 104 -13.62 5.87 -3.59
N ARG A 105 -12.95 6.70 -4.38
CA ARG A 105 -11.53 6.50 -4.63
C ARG A 105 -10.73 6.74 -3.37
N PHE A 106 -9.89 5.77 -3.00
CA PHE A 106 -9.13 5.79 -1.76
C PHE A 106 -7.64 5.73 -2.06
N THR A 107 -6.84 6.27 -1.15
CA THR A 107 -5.39 6.22 -1.28
C THR A 107 -4.75 5.06 -0.54
N THR A 108 -5.40 4.53 0.48
CA THR A 108 -4.86 3.36 1.19
C THR A 108 -6.01 2.56 1.77
N TYR A 109 -5.70 1.33 2.19
CA TYR A 109 -6.71 0.44 2.76
C TYR A 109 -6.05 -0.46 3.80
N GLY A 110 -6.90 -1.14 4.55
CA GLY A 110 -6.42 -2.02 5.61
C GLY A 110 -7.58 -2.74 6.27
N PHE A 111 -7.25 -3.45 7.35
CA PHE A 111 -8.23 -4.20 8.12
C PHE A 111 -8.39 -3.60 9.51
N TYR A 112 -9.58 -3.77 10.08
CA TYR A 112 -9.83 -3.42 11.48
C TYR A 112 -11.01 -4.27 11.96
N ASN A 113 -10.72 -5.29 12.77
CA ASN A 113 -11.71 -6.27 13.21
C ASN A 113 -12.30 -6.92 11.97
N ASP A 114 -13.61 -6.82 11.73
CA ASP A 114 -14.21 -7.36 10.52
C ASP A 114 -14.54 -6.28 9.51
N TYR A 115 -13.82 -5.17 9.55
CA TYR A 115 -14.02 -4.05 8.64
C TYR A 115 -12.85 -3.96 7.67
N ILE A 116 -13.16 -3.84 6.38
CA ILE A 116 -12.18 -3.45 5.38
C ILE A 116 -12.27 -1.94 5.23
N MET A 117 -11.24 -1.24 5.68
CA MET A 117 -11.25 0.22 5.72
C MET A 117 -10.46 0.77 4.53
N THR A 118 -11.01 1.81 3.91
CA THR A 118 -10.37 2.50 2.79
C THR A 118 -10.38 3.99 3.10
N THR A 119 -9.20 4.61 3.13
CA THR A 119 -9.09 6.01 3.52
C THR A 119 -8.28 6.79 2.50
N SER A 120 -8.54 8.10 2.49
CA SER A 120 -7.83 9.06 1.66
C SER A 120 -8.02 10.44 2.27
N SER A 121 -7.13 11.35 1.92
CA SER A 121 -7.16 12.72 2.43
C SER A 121 -7.75 13.61 1.33
N GLY A 122 -8.96 14.13 1.58
CA GLY A 122 -9.63 14.93 0.57
C GLY A 122 -10.18 16.25 1.10
N SER A 123 -11.10 16.86 0.36
CA SER A 123 -11.66 18.14 0.76
C SER A 123 -12.74 17.96 1.82
N GLY A 124 -12.72 18.85 2.82
CA GLY A 124 -13.73 18.85 3.86
C GLY A 124 -14.91 19.73 3.49
N THR A 125 -15.80 19.92 4.47
CA THR A 125 -16.99 20.72 4.29
C THR A 125 -17.11 21.89 5.25
N ILE A 126 -16.49 21.82 6.43
CA ILE A 126 -16.58 22.89 7.42
C ILE A 126 -15.37 23.81 7.27
N ASP A 127 -15.50 25.01 7.83
CA ASP A 127 -14.41 25.99 7.89
C ASP A 127 -13.91 26.35 6.49
N ALA A 128 -14.83 26.71 5.61
CA ALA A 128 -14.46 27.20 4.29
C ALA A 128 -13.90 28.62 4.41
N GLN A 129 -12.96 28.94 3.52
CA GLN A 129 -12.34 30.25 3.51
C GLN A 129 -12.23 30.77 2.09
N SER A 130 -12.72 32.00 1.88
CA SER A 130 -12.66 32.63 0.57
C SER A 130 -11.42 33.50 0.47
N TYR A 131 -10.65 33.34 -0.61
CA TYR A 131 -9.36 34.00 -0.78
C TYR A 131 -9.30 34.61 -2.17
N THR A 132 -8.85 35.86 -2.24
CA THR A 132 -8.73 36.60 -3.49
C THR A 132 -7.26 36.85 -3.80
N TYR A 133 -6.89 36.65 -5.06
CA TYR A 133 -5.50 36.82 -5.47
C TYR A 133 -5.46 37.22 -6.94
N THR A 134 -4.24 37.33 -7.47
CA THR A 134 -4.01 37.65 -8.87
C THR A 134 -3.40 36.45 -9.57
N ASP A 135 -4.03 36.01 -10.65
CA ASP A 135 -3.57 34.84 -11.37
C ASP A 135 -2.36 35.20 -12.24
N LYS A 136 -1.88 34.21 -13.01
CA LYS A 136 -0.73 34.43 -13.87
C LYS A 136 -1.06 35.30 -15.08
N SER A 137 -2.34 35.50 -15.39
CA SER A 137 -2.75 36.36 -16.50
C SER A 137 -3.09 37.77 -16.07
N GLY A 138 -3.18 38.03 -14.76
CA GLY A 138 -3.48 39.35 -14.25
C GLY A 138 -4.91 39.54 -13.78
N GLN A 139 -5.79 38.57 -13.99
CA GLN A 139 -7.18 38.71 -13.61
C GLN A 139 -7.37 38.39 -12.13
N SER A 140 -8.00 39.32 -11.41
CA SER A 140 -8.29 39.09 -9.99
C SER A 140 -9.28 37.94 -9.86
N LEU A 141 -8.91 36.91 -9.09
CA LEU A 141 -9.72 35.72 -8.94
C LEU A 141 -9.95 35.44 -7.47
N THR A 142 -11.19 35.11 -7.12
CA THR A 142 -11.58 34.76 -5.76
C THR A 142 -12.08 33.33 -5.74
N GLU A 143 -11.49 32.51 -4.87
CA GLU A 143 -11.82 31.09 -4.80
C GLU A 143 -12.06 30.68 -3.34
N THR A 144 -12.93 29.70 -3.16
CA THR A 144 -13.24 29.17 -1.83
C THR A 144 -12.49 27.87 -1.62
N TYR A 145 -11.70 27.81 -0.55
CA TYR A 145 -10.91 26.65 -0.20
C TYR A 145 -11.46 25.98 1.05
N TYR A 146 -11.31 24.66 1.10
CA TYR A 146 -11.76 23.84 2.22
C TYR A 146 -10.58 23.08 2.83
N PRO A 147 -10.59 22.86 4.15
CA PRO A 147 -9.50 22.12 4.77
C PRO A 147 -9.47 20.67 4.31
N ARG A 148 -8.30 20.07 4.45
CA ARG A 148 -8.10 18.67 4.07
C ARG A 148 -8.46 17.79 5.25
N HIS A 149 -9.38 16.85 5.03
CA HIS A 149 -9.86 15.94 6.05
C HIS A 149 -9.69 14.49 5.59
N PHE A 150 -9.54 13.60 6.57
CA PHE A 150 -9.53 12.18 6.28
C PHE A 150 -10.94 11.71 5.94
N LEU A 151 -11.06 10.92 4.87
CA LEU A 151 -12.35 10.45 4.37
C LEU A 151 -12.38 8.93 4.49
N PRO A 152 -12.76 8.41 5.66
CA PRO A 152 -12.76 6.95 5.86
C PRO A 152 -14.05 6.29 5.41
N ALA A 153 -13.89 5.15 4.73
CA ALA A 153 -15.00 4.30 4.32
C ALA A 153 -14.77 2.90 4.86
N TYR A 154 -15.87 2.23 5.23
CA TYR A 154 -15.79 0.94 5.89
C TYR A 154 -16.68 -0.07 5.18
N ILE A 155 -16.16 -1.28 5.01
CA ILE A 155 -16.94 -2.42 4.51
C ILE A 155 -17.04 -3.43 5.65
N ASP A 156 -18.24 -3.59 6.19
CA ASP A 156 -18.48 -4.64 7.18
C ASP A 156 -18.66 -5.94 6.42
N ALA A 157 -17.58 -6.75 6.37
CA ALA A 157 -17.60 -7.99 5.61
C ALA A 157 -18.41 -9.08 6.30
N ARG A 158 -18.61 -8.98 7.62
CA ARG A 158 -19.38 -10.00 8.32
C ARG A 158 -20.87 -9.76 8.15
N ASN A 159 -21.32 -8.52 8.35
CA ASN A 159 -22.71 -8.17 8.10
C ASN A 159 -22.97 -7.75 6.67
N GLN A 160 -21.92 -7.66 5.84
CA GLN A 160 -22.04 -7.35 4.42
C GLN A 160 -22.74 -6.01 4.19
N THR A 161 -22.13 -4.95 4.70
CA THR A 161 -22.65 -3.60 4.54
C THR A 161 -21.50 -2.65 4.23
N ALA A 162 -21.84 -1.41 3.89
CA ALA A 162 -20.85 -0.40 3.52
C ALA A 162 -21.28 0.96 4.04
N LYS A 163 -20.34 1.67 4.67
CA LYS A 163 -20.57 3.02 5.16
C LYS A 163 -19.48 3.95 4.62
N ASP A 164 -19.85 5.19 4.36
CA ASP A 164 -18.94 6.19 3.82
C ASP A 164 -18.35 7.11 4.88
N GLY A 165 -18.78 6.97 6.13
CA GLY A 165 -18.21 7.75 7.22
C GLY A 165 -18.51 9.24 7.17
N THR A 166 -18.13 9.97 8.22
CA THR A 166 -18.34 11.41 8.32
C THR A 166 -17.02 12.04 8.77
N GLY A 167 -16.14 12.30 7.80
CA GLY A 167 -14.86 12.91 8.09
C GLY A 167 -14.77 14.36 7.66
N ALA A 168 -15.49 14.70 6.59
CA ALA A 168 -15.47 16.07 6.08
C ALA A 168 -16.16 17.06 7.01
N GLY A 169 -17.09 16.57 7.84
CA GLY A 169 -17.78 17.44 8.78
C GLY A 169 -17.18 17.42 10.16
N ASP A 170 -16.47 16.35 10.49
CA ASP A 170 -15.82 16.22 11.79
C ASP A 170 -14.48 16.93 11.75
N ILE A 171 -14.28 17.88 12.67
CA ILE A 171 -13.02 18.60 12.73
C ILE A 171 -11.92 17.73 13.33
N ARG A 172 -12.29 16.68 14.08
CA ARG A 172 -11.29 15.79 14.65
C ARG A 172 -10.57 14.96 13.60
N LEU A 173 -11.15 14.83 12.40
CA LEU A 173 -10.51 14.10 11.31
C LEU A 173 -9.87 15.04 10.29
N ARG A 174 -9.46 16.23 10.73
CA ARG A 174 -8.85 17.21 9.84
C ARG A 174 -7.38 16.87 9.63
N ALA A 175 -7.00 16.63 8.37
CA ALA A 175 -5.60 16.34 8.06
C ALA A 175 -4.73 17.58 8.07
N GLU A 176 -5.32 18.77 8.02
CA GLU A 176 -4.54 20.00 7.97
C GLU A 176 -3.82 20.22 9.30
N ASN A 177 -2.54 20.58 9.21
CA ASN A 177 -1.70 20.83 10.39
C ASN A 177 -1.68 19.63 11.32
N PHE A 178 -1.55 18.44 10.73
CA PHE A 178 -1.57 17.20 11.52
C PHE A 178 -0.27 16.98 12.28
N LEU A 179 0.85 17.56 11.82
CA LEU A 179 2.14 17.37 12.46
C LEU A 179 2.60 18.58 13.25
N GLY A 180 1.91 19.71 13.15
CA GLY A 180 2.30 20.91 13.86
C GLY A 180 3.02 21.95 13.03
N ASN A 181 3.18 21.71 11.72
CA ASN A 181 3.88 22.65 10.84
C ASN A 181 2.97 23.20 9.75
N GLY A 182 1.67 22.93 9.80
CA GLY A 182 0.72 23.44 8.84
C GLY A 182 0.42 22.52 7.68
N GLU A 183 1.39 21.70 7.27
CA GLU A 183 1.17 20.79 6.16
C GLU A 183 0.12 19.74 6.53
N TYR A 184 -0.61 19.27 5.52
CA TYR A 184 -1.55 18.19 5.69
C TYR A 184 -0.91 16.88 5.25
N VAL A 185 -1.37 15.77 5.85
CA VAL A 185 -0.73 14.49 5.65
C VAL A 185 -1.71 13.50 5.03
N THR A 186 -1.16 12.47 4.42
CA THR A 186 -1.91 11.33 3.90
C THR A 186 -1.55 10.09 4.71
N LEU A 187 -2.55 9.32 5.09
CA LEU A 187 -2.33 8.10 5.84
C LEU A 187 -1.90 6.98 4.91
N ALA A 188 -0.79 6.33 5.24
CA ALA A 188 -0.31 5.14 4.54
C ALA A 188 -0.37 3.96 5.48
N GLY A 189 -1.06 2.90 5.07
CA GLY A 189 -1.25 1.73 5.90
C GLY A 189 -2.30 1.97 6.99
N LEU A 190 -2.87 0.86 7.46
CA LEU A 190 -3.88 0.86 8.52
C LEU A 190 -3.67 -0.39 9.37
N GLU A 191 -2.58 -0.39 10.13
CA GLU A 191 -2.18 -1.58 10.90
C GLU A 191 -2.93 -1.59 12.23
N GLN A 192 -3.79 -2.58 12.42
CA GLN A 192 -4.51 -2.72 13.68
C GLN A 192 -3.64 -3.40 14.72
N VAL A 193 -3.48 -2.76 15.88
CA VAL A 193 -2.72 -3.32 17.00
C VAL A 193 -3.63 -3.24 18.21
N GLY A 194 -4.20 -4.37 18.61
CA GLY A 194 -5.17 -4.40 19.69
C GLY A 194 -6.41 -3.61 19.32
N ASN A 195 -6.46 -2.34 19.75
CA ASN A 195 -7.51 -1.43 19.34
C ASN A 195 -6.99 -0.23 18.56
N TYR A 196 -5.69 0.02 18.59
CA TYR A 196 -5.11 1.17 17.91
C TYR A 196 -4.99 0.91 16.41
N LEU A 197 -4.92 2.00 15.66
CA LEU A 197 -4.60 1.99 14.24
C LEU A 197 -3.30 2.76 14.04
N TYR A 198 -2.23 2.04 13.70
CA TYR A 198 -0.96 2.65 13.36
C TYR A 198 -0.92 2.94 11.86
N SER A 199 -0.48 4.13 11.50
CA SER A 199 -0.35 4.51 10.11
C SER A 199 0.85 5.44 9.97
N ALA A 200 1.31 5.63 8.74
CA ALA A 200 2.39 6.57 8.44
C ALA A 200 1.78 7.85 7.89
N ALA A 201 2.03 8.97 8.57
CA ALA A 201 1.48 10.26 8.16
C ALA A 201 2.45 10.90 7.16
N VAL A 202 2.31 10.51 5.90
CA VAL A 202 3.17 11.02 4.84
C VAL A 202 2.85 12.49 4.60
N PRO A 203 3.79 13.40 4.81
CA PRO A 203 3.51 14.82 4.59
C PRO A 203 3.33 15.12 3.12
N MET A 204 2.21 15.76 2.78
CA MET A 204 1.87 16.10 1.41
C MET A 204 2.21 17.54 1.04
N GLY A 205 2.61 18.35 2.00
CA GLY A 205 2.88 19.75 1.76
C GLY A 205 1.72 20.64 2.17
N LEU A 206 1.75 21.87 1.67
CA LEU A 206 0.71 22.85 1.97
C LEU A 206 -0.39 22.80 0.92
N SER A 207 -1.63 22.68 1.37
CA SER A 207 -2.78 22.69 0.48
C SER A 207 -3.21 24.13 0.22
N GLN A 208 -4.25 24.29 -0.62
CA GLN A 208 -4.77 25.62 -0.89
C GLN A 208 -5.33 26.26 0.37
N TRP A 209 -6.06 25.49 1.18
CA TRP A 209 -6.59 26.04 2.43
C TRP A 209 -5.48 26.33 3.42
N GLY A 210 -4.44 25.50 3.45
CA GLY A 210 -3.35 25.71 4.38
C GLY A 210 -2.42 26.83 3.97
N TYR A 211 -2.34 27.11 2.66
CA TYR A 211 -1.44 28.17 2.19
C TYR A 211 -1.94 29.55 2.56
N ILE A 212 -3.25 29.74 2.65
CA ILE A 212 -3.83 31.05 2.90
C ILE A 212 -3.97 31.28 4.41
N GLN A 213 -3.38 30.39 5.21
CA GLN A 213 -3.47 30.50 6.66
C GLN A 213 -2.46 31.51 7.17
N THR A 214 -2.94 32.45 7.99
CA THR A 214 -2.09 33.44 8.64
C THR A 214 -1.62 32.89 9.98
N VAL A 215 -0.31 32.84 10.18
CA VAL A 215 0.30 32.25 11.37
C VAL A 215 0.99 33.38 12.13
N ASP A 216 0.37 33.81 13.23
CA ASP A 216 0.95 34.83 14.11
C ASP A 216 1.25 36.12 13.35
N GLY A 217 0.28 36.57 12.55
CA GLY A 217 0.40 37.75 11.75
C GLY A 217 1.05 37.53 10.38
N ARG A 218 1.95 36.55 10.28
CA ARG A 218 2.60 36.26 9.01
C ARG A 218 1.62 35.59 8.07
N GLU A 219 1.20 36.32 7.04
CA GLU A 219 0.34 35.72 6.01
C GLU A 219 1.11 34.63 5.28
N HIS A 220 0.43 33.50 5.05
CA HIS A 220 1.06 32.29 4.53
C HIS A 220 2.21 31.85 5.44
N GLY A 221 1.97 31.94 6.75
CA GLY A 221 3.02 31.66 7.73
C GLY A 221 3.55 30.25 7.69
N TYR A 222 2.78 29.30 7.17
CA TYR A 222 3.23 27.92 7.05
C TYR A 222 4.23 27.72 5.92
N VAL A 223 4.51 28.75 5.14
CA VAL A 223 5.57 28.69 4.13
C VAL A 223 6.88 29.08 4.80
N ARG A 224 7.86 28.18 4.74
CA ARG A 224 9.14 28.43 5.38
C ARG A 224 9.91 29.53 4.65
N GLU A 225 10.93 30.05 5.33
CA GLU A 225 11.76 31.09 4.74
C GLU A 225 12.50 30.55 3.53
N GLY A 226 12.40 31.28 2.41
CA GLY A 226 13.00 30.83 1.17
C GLY A 226 12.24 29.75 0.44
N TYR A 227 11.00 29.48 0.83
CA TYR A 227 10.17 28.47 0.19
C TYR A 227 9.02 29.07 -0.60
N GLU A 228 9.05 30.39 -0.87
CA GLU A 228 7.97 31.03 -1.60
C GLU A 228 8.01 30.73 -3.09
N ASP A 229 9.20 30.48 -3.64
CA ASP A 229 9.32 30.20 -5.06
C ASP A 229 8.85 28.80 -5.44
N LEU A 230 8.68 27.91 -4.47
CA LEU A 230 8.19 26.57 -4.74
C LEU A 230 6.67 26.50 -4.86
N VAL A 231 5.95 27.55 -4.46
CA VAL A 231 4.49 27.56 -4.56
C VAL A 231 4.09 27.61 -6.02
N LYS A 232 3.20 26.71 -6.42
CA LYS A 232 2.75 26.66 -7.81
C LYS A 232 1.79 27.81 -8.09
N THR A 233 2.02 28.51 -9.21
CA THR A 233 1.26 29.71 -9.52
C THR A 233 0.01 29.44 -10.35
N GLU A 234 -0.10 28.27 -10.97
CA GLU A 234 -1.28 27.91 -11.75
C GLU A 234 -1.54 26.42 -11.59
N SER A 235 -2.69 25.99 -12.13
CA SER A 235 -3.11 24.59 -12.04
C SER A 235 -2.52 23.84 -13.24
N GLY A 236 -1.42 23.13 -13.00
CA GLY A 236 -0.75 22.36 -14.03
C GLY A 236 -0.69 20.89 -13.69
N GLY A 237 -0.01 20.15 -14.55
CA GLY A 237 0.14 18.71 -14.38
C GLY A 237 -0.95 17.93 -15.08
N SER A 238 -0.91 16.61 -14.85
CA SER A 238 -1.87 15.70 -15.45
C SER A 238 -2.06 14.48 -14.55
N GLY A 239 -3.22 13.85 -14.68
CA GLY A 239 -3.49 12.60 -13.96
C GLY A 239 -3.34 12.76 -12.47
N SER A 240 -2.78 11.74 -11.84
CA SER A 240 -2.52 11.78 -10.40
C SER A 240 -1.43 12.78 -10.04
N GLY A 241 -0.66 13.27 -11.01
CA GLY A 241 0.33 14.29 -10.74
C GLY A 241 -0.11 15.65 -11.22
N SER A 242 -0.98 16.30 -10.45
CA SER A 242 -1.53 17.59 -10.83
C SER A 242 -1.55 18.50 -9.61
N TYR A 243 -1.47 19.81 -9.87
CA TYR A 243 -1.41 20.81 -8.82
C TYR A 243 -2.26 22.01 -9.20
N LYS A 244 -2.82 22.66 -8.18
CA LYS A 244 -3.61 23.87 -8.36
C LYS A 244 -2.79 25.09 -7.94
N ALA A 245 -3.38 26.26 -8.15
CA ALA A 245 -2.74 27.50 -7.75
C ALA A 245 -2.82 27.68 -6.23
N ASN A 246 -1.86 28.45 -5.71
CA ASN A 246 -1.75 28.70 -4.27
C ASN A 246 -1.66 27.39 -3.49
N GLU A 247 -0.87 26.46 -4.00
CA GLU A 247 -0.69 25.16 -3.36
C GLU A 247 0.77 24.76 -3.45
N LEU A 248 1.33 24.31 -2.33
CA LEU A 248 2.75 23.94 -2.24
C LEU A 248 2.84 22.42 -2.35
N GLN A 249 3.22 21.95 -3.53
CA GLN A 249 3.29 20.52 -3.78
C GLN A 249 4.48 19.91 -3.06
N TRP A 250 4.30 18.67 -2.58
CA TRP A 250 5.31 17.90 -1.86
C TRP A 250 5.68 18.55 -0.53
N THR A 251 6.37 17.80 0.33
CA THR A 251 6.61 18.24 1.69
C THR A 251 7.81 19.20 1.76
N GLN A 252 7.81 20.02 2.81
CA GLN A 252 8.92 20.91 3.11
C GLN A 252 9.92 20.30 4.08
N TYR A 253 9.57 19.19 4.73
CA TYR A 253 10.43 18.55 5.74
C TYR A 253 10.60 17.08 5.35
N PRO A 254 11.53 16.78 4.44
CA PRO A 254 11.72 15.40 4.01
C PRO A 254 12.58 14.56 4.94
N ASP A 255 13.30 15.17 5.87
CA ASP A 255 14.20 14.45 6.77
C ASP A 255 13.52 13.99 8.06
N GLU A 256 12.25 13.58 7.99
CA GLU A 256 11.51 13.16 9.16
C GLU A 256 10.67 11.95 8.81
N CYS A 257 10.13 11.30 9.85
CA CYS A 257 9.24 10.16 9.68
C CYS A 257 8.19 10.22 10.79
N TRP A 258 6.93 10.39 10.41
CA TRP A 258 5.84 10.57 11.36
C TRP A 258 4.91 9.38 11.33
N VAL A 259 4.66 8.80 12.51
CA VAL A 259 3.73 7.70 12.68
C VAL A 259 2.55 8.19 13.51
N ALA A 260 1.34 7.99 13.01
CA ALA A 260 0.12 8.40 13.67
C ALA A 260 -0.56 7.18 14.28
N ILE A 261 -0.92 7.28 15.55
CA ILE A 261 -1.57 6.21 16.30
C ILE A 261 -2.97 6.69 16.67
N PHE A 262 -3.99 6.03 16.13
CA PHE A 262 -5.38 6.32 16.44
C PHE A 262 -5.91 5.34 17.47
N LYS A 263 -6.82 5.82 18.32
CA LYS A 263 -7.34 4.98 19.38
C LYS A 263 -8.30 3.92 18.85
N ASP A 264 -9.03 4.22 17.77
CA ASP A 264 -9.98 3.27 17.20
C ASP A 264 -10.17 3.60 15.73
N GLU A 265 -11.15 2.94 15.10
CA GLU A 265 -11.38 3.10 13.67
C GLU A 265 -12.04 4.43 13.32
N THR A 266 -12.60 5.14 14.29
CA THR A 266 -13.23 6.42 14.01
C THR A 266 -12.23 7.50 13.63
N LEU A 267 -10.95 7.28 13.90
CA LEU A 267 -9.87 8.24 13.57
C LEU A 267 -10.09 9.57 14.27
N THR A 268 -10.76 9.55 15.43
CA THR A 268 -11.00 10.78 16.19
C THR A 268 -9.79 11.14 17.02
N GLU A 269 -9.66 10.53 18.20
CA GLU A 269 -8.50 10.77 19.04
C GLU A 269 -7.27 10.10 18.45
N HIS A 270 -6.13 10.78 18.53
CA HIS A 270 -4.91 10.28 17.91
C HIS A 270 -3.70 10.94 18.57
N LYS A 271 -2.54 10.38 18.27
CA LYS A 271 -1.26 10.96 18.64
C LYS A 271 -0.28 10.77 17.49
N VAL A 272 0.80 11.54 17.51
CA VAL A 272 1.82 11.47 16.47
C VAL A 272 3.19 11.34 17.13
N ILE A 273 4.08 10.59 16.47
CA ILE A 273 5.45 10.41 16.94
C ILE A 273 6.40 10.59 15.76
N LYS A 274 7.55 11.18 16.02
CA LYS A 274 8.52 11.55 14.99
C LYS A 274 9.83 10.82 15.20
N SER A 275 10.44 10.41 14.10
CA SER A 275 11.78 9.84 14.09
C SER A 275 12.58 10.51 12.98
N ASP A 276 13.76 11.03 13.33
CA ASP A 276 14.62 11.76 12.39
C ASP A 276 15.69 10.85 11.78
N ARG A 277 15.45 9.55 11.72
CA ARG A 277 16.42 8.62 11.15
C ARG A 277 16.11 8.23 9.71
N ILE A 278 14.84 8.29 9.29
CA ILE A 278 14.43 7.91 7.94
C ILE A 278 13.42 8.94 7.44
N SER A 279 13.05 8.79 6.17
CA SER A 279 12.07 9.65 5.54
C SER A 279 10.66 9.09 5.81
N TYR A 280 9.66 9.59 5.09
CA TYR A 280 8.30 9.10 5.29
C TYR A 280 8.16 7.66 4.81
N ALA A 281 7.16 6.98 5.34
CA ALA A 281 6.99 5.53 5.18
C ALA A 281 5.81 5.25 4.26
N CYS A 282 6.10 5.10 2.97
CA CYS A 282 5.06 4.75 2.01
C CYS A 282 5.73 4.28 0.72
N GLY A 283 4.95 3.57 -0.09
CA GLY A 283 5.34 3.24 -1.45
C GLY A 283 4.42 3.95 -2.43
N ARG A 284 5.02 4.69 -3.37
CA ARG A 284 4.27 5.45 -4.36
CA ARG A 284 4.28 5.45 -4.36
C ARG A 284 4.63 4.94 -5.75
N ASN A 285 3.65 4.31 -6.42
CA ASN A 285 3.78 3.90 -7.80
C ASN A 285 3.16 4.92 -8.75
N ARG A 286 1.97 5.41 -8.41
CA ARG A 286 1.30 6.44 -9.19
C ARG A 286 0.35 7.24 -8.31
N SER A 287 -0.67 6.58 -7.76
CA SER A 287 -1.67 7.24 -6.95
C SER A 287 -2.02 6.51 -5.65
N GLN A 288 -1.47 5.32 -5.43
CA GLN A 288 -1.76 4.54 -4.23
C GLN A 288 -0.58 4.57 -3.28
N TYR A 289 -0.87 4.67 -1.99
CA TYR A 289 0.15 4.67 -0.93
C TYR A 289 0.22 3.27 -0.34
N TYR A 290 1.26 2.53 -0.72
CA TYR A 290 1.48 1.18 -0.23
C TYR A 290 2.07 1.22 1.18
N GLN A 291 1.54 0.34 2.04
CA GLN A 291 1.84 0.36 3.46
C GLN A 291 3.30 -0.01 3.72
N MET A 292 3.89 0.65 4.72
CA MET A 292 5.25 0.36 5.16
C MET A 292 5.37 0.11 6.65
N VAL A 293 4.26 0.16 7.41
CA VAL A 293 4.27 -0.10 8.84
C VAL A 293 3.65 -1.48 9.07
N TRP A 294 4.35 -2.33 9.80
CA TRP A 294 3.89 -3.71 10.00
C TRP A 294 4.22 -4.17 11.41
N GLN A 295 3.22 -4.70 12.11
CA GLN A 295 3.45 -5.28 13.43
C GLN A 295 4.01 -6.69 13.28
N ALA A 296 5.10 -6.96 13.98
CA ALA A 296 5.79 -8.24 13.89
C ALA A 296 5.46 -9.09 15.12
N ASP A 297 6.02 -10.30 15.15
CA ASP A 297 5.75 -11.23 16.24
C ASP A 297 6.37 -10.75 17.55
N ASP A 298 7.48 -10.02 17.49
CA ASP A 298 8.17 -9.55 18.68
C ASP A 298 7.49 -8.35 19.33
N GLY A 299 6.24 -8.07 18.99
CA GLY A 299 5.54 -6.93 19.57
C GLY A 299 6.05 -5.58 19.13
N TYR A 300 6.77 -5.52 18.01
CA TYR A 300 7.32 -4.27 17.50
C TYR A 300 6.70 -3.97 16.14
N LEU A 301 6.24 -2.74 15.96
CA LEU A 301 5.80 -2.24 14.67
C LEU A 301 7.01 -1.69 13.93
N TYR A 302 7.43 -2.38 12.88
CA TYR A 302 8.55 -1.94 12.07
C TYR A 302 8.06 -0.99 10.98
N VAL A 303 8.83 0.07 10.76
CA VAL A 303 8.48 1.16 9.87
C VAL A 303 9.60 1.30 8.86
N PHE A 304 9.31 0.97 7.60
CA PHE A 304 10.29 1.03 6.51
C PHE A 304 10.17 2.35 5.76
N SER A 305 11.26 2.76 5.12
CA SER A 305 11.24 3.96 4.30
C SER A 305 12.27 3.87 3.19
N PRO A 306 11.85 3.93 1.93
CA PRO A 306 12.78 3.91 0.80
C PRO A 306 13.38 5.25 0.44
N SER A 307 13.07 6.31 1.19
CA SER A 307 13.53 7.67 0.91
C SER A 307 13.15 8.10 -0.51
N TYR A 308 11.84 8.08 -0.76
CA TYR A 308 11.32 8.49 -2.07
C TYR A 308 11.53 9.97 -2.33
N ALA A 309 11.75 10.77 -1.29
CA ALA A 309 11.91 12.21 -1.45
C ALA A 309 13.21 12.58 -2.16
N LYS A 310 14.10 11.62 -2.42
CA LYS A 310 15.34 11.91 -3.13
C LYS A 310 15.13 12.08 -4.63
N THR A 311 13.95 11.79 -5.15
CA THR A 311 13.64 11.97 -6.55
C THR A 311 13.01 13.33 -6.85
N MET A 312 12.95 14.22 -5.86
CA MET A 312 12.38 15.53 -6.07
C MET A 312 13.32 16.40 -6.91
N SER A 313 12.73 17.39 -7.58
CA SER A 313 13.51 18.29 -8.42
C SER A 313 14.36 19.23 -7.58
N ASP A 314 13.73 20.02 -6.71
CA ASP A 314 14.44 20.96 -5.87
C ASP A 314 15.12 20.23 -4.71
N ALA A 315 16.23 20.80 -4.25
CA ALA A 315 16.99 20.21 -3.15
C ALA A 315 16.33 20.42 -1.80
N ARG A 316 15.49 21.45 -1.66
CA ARG A 316 14.82 21.69 -0.38
C ARG A 316 13.82 20.59 -0.06
N GLN A 317 13.30 19.91 -1.08
CA GLN A 317 12.37 18.80 -0.88
C GLN A 317 13.06 17.44 -0.94
N GLN A 318 14.37 17.41 -1.14
CA GLN A 318 15.12 16.16 -1.15
C GLN A 318 15.64 15.85 0.25
N THR A 319 15.65 14.56 0.59
CA THR A 319 16.12 14.11 1.89
C THR A 319 17.51 13.51 1.78
N ARG A 320 18.31 13.73 2.82
CA ARG A 320 19.64 13.13 2.91
C ARG A 320 19.64 11.85 3.73
N LEU A 321 18.48 11.45 4.24
CA LEU A 321 18.38 10.23 5.04
C LEU A 321 18.24 9.04 4.12
N PRO A 322 19.15 8.07 4.16
CA PRO A 322 19.04 6.90 3.28
C PRO A 322 17.84 6.04 3.63
N ALA A 323 17.57 5.08 2.74
CA ALA A 323 16.47 4.15 2.97
C ALA A 323 16.78 3.26 4.18
N GLY A 324 15.84 3.20 5.12
CA GLY A 324 16.08 2.46 6.34
C GLY A 324 14.79 2.14 7.05
N VAL A 325 14.91 1.38 8.14
CA VAL A 325 13.76 0.93 8.91
C VAL A 325 14.01 1.20 10.38
N VAL A 326 12.98 1.72 11.06
CA VAL A 326 13.00 1.87 12.51
C VAL A 326 11.88 1.03 13.09
N ARG A 327 11.63 1.14 14.40
CA ARG A 327 10.57 0.34 15.01
C ARG A 327 10.02 1.06 16.23
N ILE A 328 8.81 0.64 16.61
CA ILE A 328 8.07 1.20 17.74
C ILE A 328 7.57 0.05 18.59
N ASP A 329 7.68 0.20 19.91
CA ASP A 329 7.21 -0.83 20.83
C ASP A 329 5.73 -0.63 21.09
N THR A 330 4.90 -1.54 20.54
CA THR A 330 3.45 -1.42 20.68
C THR A 330 2.93 -1.92 22.02
N ARG A 331 3.76 -2.59 22.81
CA ARG A 331 3.34 -3.11 24.11
C ARG A 331 3.76 -2.15 25.22
N ALA A 332 3.03 -1.03 25.28
CA ALA A 332 3.27 -0.01 26.29
C ALA A 332 1.99 0.80 26.47
N SER A 333 2.02 1.74 27.39
CA SER A 333 0.88 2.61 27.63
C SER A 333 0.78 3.65 26.52
N TRP A 334 -0.42 4.24 26.41
CA TRP A 334 -0.65 5.26 25.39
C TRP A 334 0.27 6.45 25.56
N GLU A 335 0.62 6.79 26.80
CA GLU A 335 1.50 7.92 27.06
C GLU A 335 2.96 7.62 26.76
N ALA A 336 3.34 6.34 26.65
CA ALA A 336 4.74 5.95 26.48
C ALA A 336 5.03 5.40 25.08
N LEU A 337 4.12 5.60 24.13
CA LEU A 337 4.34 5.12 22.76
C LEU A 337 5.30 6.05 22.04
N ASP A 338 6.46 5.52 21.65
CA ASP A 338 7.46 6.30 20.95
C ASP A 338 8.40 5.35 20.23
N PHE A 339 9.23 5.91 19.35
CA PHE A 339 10.17 5.10 18.59
C PHE A 339 11.23 4.49 19.49
N ASP A 340 11.74 3.33 19.07
CA ASP A 340 12.81 2.64 19.79
C ASP A 340 14.14 3.34 19.50
N PRO A 341 14.76 3.97 20.51
CA PRO A 341 16.00 4.73 20.26
C PRO A 341 17.21 3.84 20.02
N SER A 342 17.09 2.52 20.17
CA SER A 342 18.21 1.61 20.01
C SER A 342 18.12 0.77 18.75
N TYR A 343 17.17 1.05 17.87
CA TYR A 343 16.99 0.28 16.65
C TYR A 343 17.11 1.19 15.43
N TYR A 344 17.96 0.79 14.50
CA TYR A 344 18.10 1.46 13.22
C TYR A 344 18.83 0.54 12.25
N GLN A 345 18.32 0.43 11.03
CA GLN A 345 18.93 -0.37 9.99
C GLN A 345 19.08 0.46 8.72
N ALA A 346 20.16 0.22 7.99
CA ALA A 346 20.42 0.86 6.71
C ALA A 346 20.10 -0.16 5.63
N LEU A 347 18.91 -0.05 5.04
CA LEU A 347 18.45 -0.97 4.01
C LEU A 347 19.34 -0.85 2.78
N LYS A 348 20.09 -1.89 2.47
CA LYS A 348 21.05 -1.88 1.38
C LYS A 348 20.87 -3.12 0.52
N ASN A 349 21.16 -2.97 -0.77
CA ASN A 349 21.15 -4.10 -1.68
C ASN A 349 22.32 -5.04 -1.38
N PRO A 350 22.27 -6.28 -1.88
CA PRO A 350 23.40 -7.20 -1.65
C PRO A 350 24.73 -6.67 -2.13
N ASP A 351 24.77 -5.74 -3.10
CA ASP A 351 26.02 -5.19 -3.57
C ASP A 351 26.53 -4.04 -2.71
N GLY A 352 25.75 -3.59 -1.72
CA GLY A 352 26.15 -2.56 -0.80
C GLY A 352 25.46 -1.22 -1.00
N SER A 353 24.96 -0.95 -2.20
CA SER A 353 24.32 0.33 -2.47
C SER A 353 22.98 0.42 -1.74
N GLU A 354 22.41 1.61 -1.74
CA GLU A 354 21.12 1.83 -1.09
C GLU A 354 20.03 1.06 -1.82
N ALA A 355 18.98 0.71 -1.07
CA ALA A 355 17.89 -0.12 -1.57
C ALA A 355 16.65 0.75 -1.79
N ALA A 356 16.15 0.75 -3.02
CA ALA A 356 14.92 1.44 -3.37
C ALA A 356 13.84 0.40 -3.64
N PHE A 357 12.76 0.45 -2.87
CA PHE A 357 11.70 -0.55 -2.94
C PHE A 357 10.35 0.15 -3.10
N LEU A 358 9.33 -0.65 -3.39
CA LEU A 358 7.98 -0.16 -3.61
C LEU A 358 6.96 -0.75 -2.65
N ARG A 359 7.02 -2.06 -2.41
CA ARG A 359 6.15 -2.72 -1.45
C ARG A 359 6.98 -3.49 -0.43
N SER A 360 6.32 -3.88 0.66
CA SER A 360 7.00 -4.64 1.72
C SER A 360 5.95 -5.35 2.55
N TRP A 361 5.98 -6.67 2.55
CA TRP A 361 5.07 -7.49 3.32
C TRP A 361 5.81 -8.12 4.50
N TYR A 362 5.04 -8.70 5.42
CA TYR A 362 5.58 -9.37 6.59
C TYR A 362 5.18 -10.83 6.58
N THR A 363 6.16 -11.72 6.68
CA THR A 363 5.89 -13.15 6.75
C THR A 363 5.63 -13.58 8.19
N SER A 364 6.69 -13.96 8.89
CA SER A 364 6.58 -14.34 10.30
C SER A 364 7.96 -14.24 10.93
N GLY A 365 7.99 -14.29 12.25
CA GLY A 365 9.23 -14.23 12.99
C GLY A 365 9.96 -12.90 12.86
N ASN A 366 11.11 -12.91 12.21
CA ASN A 366 11.96 -11.73 12.07
C ASN A 366 12.29 -11.44 10.62
N TYR A 367 11.39 -11.78 9.69
CA TYR A 367 11.68 -11.68 8.27
C TYR A 367 10.59 -10.90 7.56
N PHE A 368 11.00 -9.95 6.73
CA PHE A 368 10.10 -9.19 5.86
C PHE A 368 10.47 -9.47 4.41
N LEU A 369 9.46 -9.39 3.53
CA LEU A 369 9.65 -9.58 2.11
C LEU A 369 9.44 -8.25 1.41
N LEU A 370 10.49 -7.75 0.75
CA LEU A 370 10.46 -6.46 0.08
C LEU A 370 10.55 -6.65 -1.44
N LEU A 371 9.93 -5.72 -2.16
CA LEU A 371 9.94 -5.70 -3.62
C LEU A 371 10.70 -4.45 -4.06
N ALA A 372 11.97 -4.63 -4.43
CA ALA A 372 12.84 -3.53 -4.80
C ALA A 372 12.97 -3.44 -6.32
N TYR A 373 13.53 -2.30 -6.76
CA TYR A 373 13.74 -2.03 -8.18
C TYR A 373 15.04 -2.70 -8.63
N ASP A 374 15.43 -2.42 -9.87
CA ASP A 374 16.68 -2.95 -10.41
C ASP A 374 17.82 -1.96 -10.20
N ALA A 375 18.73 -1.88 -11.16
CA ALA A 375 19.87 -0.97 -11.07
C ALA A 375 19.53 0.45 -11.48
N GLN A 376 18.31 0.70 -11.96
CA GLN A 376 17.90 2.03 -12.40
C GLN A 376 17.23 2.84 -11.29
N GLY A 377 17.15 2.30 -10.07
CA GLY A 377 16.50 3.01 -8.99
C GLY A 377 15.01 3.14 -9.22
N PHE A 378 14.45 4.26 -8.74
CA PHE A 378 13.03 4.52 -8.94
C PHE A 378 12.66 4.72 -10.41
N LYS A 379 13.65 4.90 -11.29
CA LYS A 379 13.39 5.04 -12.71
C LYS A 379 13.11 3.70 -13.39
N GLY A 380 13.59 2.61 -12.83
CA GLY A 380 13.41 1.29 -13.41
C GLY A 380 12.13 0.62 -12.96
N THR A 381 12.15 -0.72 -12.97
CA THR A 381 10.99 -1.54 -12.64
C THR A 381 11.26 -2.29 -11.34
N ALA A 382 10.27 -2.29 -10.44
CA ALA A 382 10.39 -2.98 -9.16
C ALA A 382 10.06 -4.45 -9.38
N ASN A 383 11.09 -5.29 -9.37
CA ASN A 383 10.91 -6.70 -9.68
C ASN A 383 12.01 -7.55 -9.05
N ARG A 384 12.47 -7.17 -7.85
CA ARG A 384 13.45 -7.96 -7.11
C ARG A 384 12.86 -8.28 -5.75
N LEU A 385 12.58 -9.55 -5.50
CA LEU A 385 12.06 -10.00 -4.21
C LEU A 385 13.24 -10.26 -3.28
N LEU A 386 13.42 -9.40 -2.29
CA LEU A 386 14.50 -9.53 -1.32
C LEU A 386 13.91 -9.76 0.07
N ILE A 387 14.78 -10.24 0.97
CA ILE A 387 14.37 -10.62 2.32
C ILE A 387 15.17 -9.79 3.32
N PHE A 388 14.46 -9.16 4.25
CA PHE A 388 15.05 -8.34 5.29
C PHE A 388 14.92 -9.05 6.63
N ASP A 389 16.00 -9.05 7.41
CA ASP A 389 16.02 -9.64 8.74
C ASP A 389 16.03 -8.51 9.77
N THR A 390 15.11 -8.60 10.74
CA THR A 390 15.03 -7.56 11.76
C THR A 390 16.27 -7.55 12.65
N GLN A 391 16.95 -8.69 12.77
CA GLN A 391 18.14 -8.81 13.58
C GLN A 391 19.42 -8.77 12.76
N GLY A 392 19.34 -8.34 11.49
CA GLY A 392 20.48 -8.26 10.61
C GLY A 392 21.18 -6.93 10.65
N ASP A 393 21.85 -6.60 9.55
CA ASP A 393 22.59 -5.35 9.42
C ASP A 393 21.99 -4.44 8.35
N GLY A 394 20.75 -4.70 7.94
CA GLY A 394 20.11 -3.92 6.90
C GLY A 394 20.39 -4.40 5.49
N THR A 395 21.41 -5.23 5.30
CA THR A 395 21.72 -5.75 3.97
C THR A 395 20.66 -6.77 3.56
N LEU A 396 19.97 -6.49 2.45
CA LEU A 396 18.90 -7.37 1.99
C LEU A 396 19.48 -8.64 1.38
N ARG A 397 18.82 -9.76 1.65
CA ARG A 397 19.25 -11.06 1.14
C ARG A 397 18.37 -11.48 -0.03
N GLU A 398 19.00 -12.07 -1.05
CA GLU A 398 18.31 -12.46 -2.25
C GLU A 398 17.81 -13.90 -2.14
N VAL A 399 16.67 -14.17 -2.77
CA VAL A 399 16.02 -15.47 -2.69
C VAL A 399 16.59 -16.38 -3.76
N SER A 400 16.97 -17.59 -3.37
CA SER A 400 17.52 -18.58 -4.30
C SER A 400 16.40 -19.48 -4.80
N GLY A 401 16.28 -19.59 -6.12
CA GLY A 401 15.25 -20.39 -6.74
C GLY A 401 14.26 -19.62 -7.58
N LEU A 402 14.26 -18.28 -7.52
CA LEU A 402 13.37 -17.47 -8.34
C LEU A 402 13.98 -17.23 -9.72
N PRO A 403 13.15 -17.16 -10.75
CA PRO A 403 13.67 -16.94 -12.12
C PRO A 403 14.27 -15.55 -12.26
N THR A 404 15.02 -15.38 -13.35
CA THR A 404 15.66 -14.10 -13.65
C THR A 404 14.80 -13.21 -14.54
N ASP A 405 14.05 -13.80 -15.47
CA ASP A 405 13.22 -13.02 -16.40
C ASP A 405 11.86 -12.71 -15.78
N ILE A 406 11.87 -12.15 -14.58
CA ILE A 406 10.64 -11.80 -13.88
C ILE A 406 9.99 -10.60 -14.57
N SER A 407 8.79 -10.80 -15.10
CA SER A 407 8.06 -9.75 -15.79
C SER A 407 6.75 -9.36 -15.11
N ALA A 408 6.25 -10.16 -14.18
CA ALA A 408 5.01 -9.85 -13.48
C ALA A 408 4.96 -10.65 -12.18
N LEU A 409 4.40 -10.04 -11.14
CA LEU A 409 4.29 -10.67 -9.84
C LEU A 409 2.89 -10.47 -9.28
N SER A 410 2.54 -11.30 -8.31
CA SER A 410 1.24 -11.17 -7.66
C SER A 410 1.21 -9.94 -6.77
N ASN A 411 0.05 -9.28 -6.73
CA ASN A 411 -0.08 -8.05 -5.94
C ASN A 411 0.03 -8.32 -4.45
N THR A 412 -0.40 -9.49 -4.00
CA THR A 412 -0.34 -9.80 -2.57
C THR A 412 0.03 -11.27 -2.36
N PRO A 413 1.12 -11.54 -1.64
CA PRO A 413 1.49 -12.93 -1.35
C PRO A 413 0.63 -13.51 -0.23
N TYR A 414 0.61 -14.84 -0.18
CA TYR A 414 -0.13 -15.58 0.82
C TYR A 414 0.84 -16.20 1.81
N ILE A 415 0.72 -15.82 3.08
CA ILE A 415 1.54 -16.39 4.15
C ILE A 415 0.75 -17.54 4.77
N ASP A 416 1.35 -18.73 4.77
CA ASP A 416 0.67 -19.92 5.28
C ASP A 416 0.70 -19.92 6.80
N ASP A 417 0.33 -21.04 7.40
CA ASP A 417 0.26 -21.17 8.85
C ASP A 417 1.61 -21.50 9.48
N GLU A 418 2.71 -21.24 8.78
CA GLU A 418 4.03 -21.53 9.33
C GLU A 418 5.12 -20.57 8.88
N GLY A 419 4.84 -19.59 8.02
CA GLY A 419 5.80 -18.57 7.65
C GLY A 419 6.16 -18.53 6.18
N HIS A 420 5.90 -19.60 5.42
CA HIS A 420 6.24 -19.60 4.01
C HIS A 420 5.40 -18.59 3.25
N ALA A 421 6.00 -17.99 2.22
CA ALA A 421 5.35 -16.97 1.42
C ALA A 421 5.10 -17.50 0.02
N TYR A 422 3.84 -17.57 -0.38
CA TYR A 422 3.46 -18.05 -1.71
C TYR A 422 3.33 -16.84 -2.64
N VAL A 423 4.23 -16.74 -3.62
CA VAL A 423 4.23 -15.62 -4.56
C VAL A 423 4.15 -16.19 -5.97
N VAL A 424 3.25 -15.64 -6.78
CA VAL A 424 3.09 -16.08 -8.15
C VAL A 424 4.01 -15.25 -9.04
N VAL A 425 5.07 -15.88 -9.54
CA VAL A 425 6.05 -15.22 -10.40
C VAL A 425 5.71 -15.54 -11.84
N SER A 426 5.70 -14.51 -12.69
CA SER A 426 5.37 -14.66 -14.11
C SER A 426 6.61 -14.31 -14.93
N THR A 427 7.25 -15.33 -15.49
CA THR A 427 8.40 -15.11 -16.35
C THR A 427 7.97 -14.81 -17.77
N SER A 428 8.83 -14.11 -18.51
CA SER A 428 8.55 -13.79 -19.90
C SER A 428 8.70 -14.99 -20.82
N THR A 429 9.18 -16.12 -20.30
CA THR A 429 9.33 -17.35 -21.07
C THR A 429 8.59 -18.50 -20.38
N GLY A 430 7.33 -18.28 -20.06
CA GLY A 430 6.53 -19.29 -19.41
C GLY A 430 5.28 -18.70 -18.80
N TYR A 431 4.51 -19.58 -18.16
CA TYR A 431 3.26 -19.23 -17.49
C TYR A 431 3.53 -18.81 -16.05
N PRO A 432 2.61 -18.07 -15.46
CA PRO A 432 2.75 -17.72 -14.03
C PRO A 432 2.78 -18.96 -13.16
N THR A 433 3.83 -19.08 -12.34
CA THR A 433 4.03 -20.23 -11.48
C THR A 433 4.11 -19.77 -10.03
N VAL A 434 3.47 -20.54 -9.14
CA VAL A 434 3.53 -20.26 -7.70
C VAL A 434 4.87 -20.74 -7.17
N TYR A 435 5.53 -19.88 -6.40
CA TYR A 435 6.77 -20.22 -5.72
C TYR A 435 6.56 -20.08 -4.22
N LYS A 436 6.95 -21.11 -3.48
CA LYS A 436 6.92 -21.09 -2.03
C LYS A 436 8.29 -20.65 -1.52
N ILE A 437 8.33 -19.54 -0.81
CA ILE A 437 9.57 -18.93 -0.35
C ILE A 437 9.70 -19.17 1.14
N ASP A 438 10.82 -19.78 1.53
CA ASP A 438 11.22 -19.87 2.93
C ASP A 438 12.09 -18.66 3.23
N PRO A 439 11.63 -17.70 4.03
CA PRO A 439 12.45 -16.49 4.28
C PRO A 439 13.61 -16.74 5.22
N ALA A 440 13.51 -17.75 6.11
CA ALA A 440 14.62 -18.06 7.00
C ALA A 440 15.86 -18.46 6.22
N ALA A 441 15.74 -19.49 5.39
CA ALA A 441 16.85 -19.91 4.54
C ALA A 441 16.94 -19.09 3.25
N ALA A 442 15.98 -18.20 3.00
CA ALA A 442 15.94 -17.37 1.80
C ALA A 442 15.97 -18.24 0.54
N THR A 443 15.04 -19.20 0.48
CA THR A 443 14.99 -20.14 -0.62
C THR A 443 13.61 -20.08 -1.28
N ALA A 444 13.54 -20.55 -2.52
CA ALA A 444 12.29 -20.58 -3.28
C ALA A 444 12.15 -21.93 -3.94
N SER A 445 10.94 -22.51 -3.85
CA SER A 445 10.64 -23.79 -4.47
C SER A 445 9.49 -23.61 -5.46
N LYS A 446 9.64 -24.20 -6.64
CA LYS A 446 8.61 -24.11 -7.67
C LYS A 446 7.39 -24.90 -7.27
N GLY A 447 6.21 -24.38 -7.62
CA GLY A 447 4.97 -25.05 -7.26
C GLY A 447 3.96 -25.09 -8.39
N LEU A 448 2.70 -24.77 -8.07
CA LEU A 448 1.61 -24.88 -9.04
C LEU A 448 1.85 -23.94 -10.22
N THR A 449 1.53 -24.42 -11.42
CA THR A 449 1.68 -23.66 -12.64
C THR A 449 0.30 -23.28 -13.17
N ILE A 450 0.04 -21.97 -13.23
CA ILE A 450 -1.25 -21.47 -13.69
C ILE A 450 -1.15 -21.19 -15.19
N VAL A 451 -1.97 -21.89 -15.98
CA VAL A 451 -1.99 -21.71 -17.43
C VAL A 451 -2.83 -20.48 -17.76
N ALA A 452 -2.30 -19.30 -17.45
CA ALA A 452 -2.99 -18.04 -17.71
C ALA A 452 -1.96 -17.00 -18.14
N THR A 453 -2.43 -15.77 -18.34
CA THR A 453 -1.53 -14.69 -18.71
C THR A 453 -0.82 -14.11 -17.49
N SER A 454 -1.57 -13.82 -16.43
CA SER A 454 -0.99 -13.31 -15.20
C SER A 454 -1.95 -13.61 -14.06
N VAL A 455 -1.39 -13.66 -12.85
CA VAL A 455 -2.14 -13.91 -11.63
C VAL A 455 -1.99 -12.70 -10.72
N ALA A 456 -3.12 -12.15 -10.26
CA ALA A 456 -3.13 -10.98 -9.39
C ALA A 456 -2.97 -11.36 -7.92
N GLY A 457 -3.76 -12.31 -7.44
CA GLY A 457 -3.73 -12.68 -6.04
C GLY A 457 -3.89 -14.18 -5.84
N VAL A 458 -3.41 -14.63 -4.69
CA VAL A 458 -3.48 -16.03 -4.30
C VAL A 458 -3.70 -16.10 -2.79
N GLY A 459 -4.64 -16.93 -2.36
CA GLY A 459 -4.92 -17.04 -0.94
C GLY A 459 -5.60 -18.35 -0.63
N LYS A 460 -6.13 -18.43 0.59
CA LYS A 460 -6.81 -19.64 1.07
C LYS A 460 -8.16 -19.25 1.66
N LEU A 461 -9.20 -20.01 1.30
CA LEU A 461 -10.54 -19.79 1.81
C LEU A 461 -11.16 -21.12 2.18
N GLN A 462 -12.13 -21.07 3.10
CA GLN A 462 -12.87 -22.25 3.53
C GLN A 462 -14.30 -22.18 3.02
N ALA A 463 -14.81 -23.33 2.58
CA ALA A 463 -16.14 -23.37 2.00
C ALA A 463 -17.21 -23.12 3.06
N ASN A 464 -18.38 -22.68 2.60
CA ASN A 464 -19.49 -22.41 3.49
C ASN A 464 -20.81 -22.90 2.90
#